data_1S9O
#
_entry.id   1S9O
#
_cell.length_a   1.000
_cell.length_b   1.000
_cell.length_c   1.000
_cell.angle_alpha   90.00
_cell.angle_beta   90.00
_cell.angle_gamma   90.00
#
_symmetry.space_group_name_H-M   'P 1'
#
_entity_poly.entity_id   1
_entity_poly.type   'polydeoxyribonucleotide'
_entity_poly.pdbx_seq_one_letter_code
;(DC)(DG)(DC)(DT)(DA)(DC)(DG)(DT)(DA)(DG)(DC)(DG)
;
_entity_poly.pdbx_strand_id   A,B
#
loop_
_chem_comp.id
_chem_comp.type
_chem_comp.name
_chem_comp.formula
DA DNA linking 2'-DEOXYADENOSINE-5'-MONOPHOSPHATE 'C10 H14 N5 O6 P'
DC DNA linking 2'-DEOXYCYTIDINE-5'-MONOPHOSPHATE 'C9 H14 N3 O7 P'
DG DNA linking 2'-DEOXYGUANOSINE-5'-MONOPHOSPHATE 'C10 H14 N5 O7 P'
DT DNA linking THYMIDINE-5'-MONOPHOSPHATE 'C10 H15 N2 O8 P'
#